data_4U98
#
_entry.id   4U98
#
_cell.length_a   63.000
_cell.length_b   73.520
_cell.length_c   106.910
_cell.angle_alpha   90.00
_cell.angle_beta   90.00
_cell.angle_gamma   90.00
#
_symmetry.space_group_name_H-M   'P 2 2 21'
#
loop_
_entity.id
_entity.type
_entity.pdbx_description
1 polymer Maltokinase
2 non-polymer 'PHOSPHOMETHYLPHOSPHONIC ACID ADENYLATE ESTER'
3 non-polymer 'MAGNESIUM ION'
4 water water
#
_entity_poly.entity_id   1
_entity_poly.type   'polypeptide(L)'
_entity_poly.pdbx_seq_one_letter_code
;MTLAFGDWIVHRRWYAGRSRELVSAEPAVVTPLRDDLDHILLDVTYTDGTVERYQLVVRWADSPVAGFGEAATIGTALGP
QGERIAYDALFDPDAARHLLRLVDASATVADLRFTREPGATLPLYAPPKVSSAEQSNTSVIFGKDAMLKVFRRVTPGINP
DIELNRVLAQAGNRHVARLLGSFETSWAGPGTDRCALGMVTAFAANSAEGWDMATASAREMFADVVGSDFADESYRLGNA
VASVHATLAEALGTSTEPFPVDTVLARLQSAARSAPELAGRAAAVEERYRRLDGRAITVQRVHGDLHLGQVLRTPDDWLL
IDFEGEPGQPLDERRRPDSPLRDVAGVLRSFEYAAYQKLVELAPEQDADGRLADRARNWVDRNSAAFCAGYAAVAGDDPR
RDGDVLAAYELDKAVYEAAYEARFRPSWLPIPMRSIDRILGKLAAALEHHHHHH
;
_entity_poly.pdbx_strand_id   A
#
# COMPACT_ATOMS: atom_id res chain seq x y z
N THR A 2 -34.79 10.49 2.32
CA THR A 2 -34.27 9.21 1.86
C THR A 2 -33.72 9.33 0.44
N LEU A 3 -32.69 8.54 0.15
CA LEU A 3 -32.04 8.55 -1.15
C LEU A 3 -31.85 7.11 -1.66
N ALA A 4 -31.87 6.94 -2.98
CA ALA A 4 -31.61 5.64 -3.57
C ALA A 4 -30.11 5.38 -3.60
N PHE A 5 -29.52 5.19 -2.43
CA PHE A 5 -28.08 4.97 -2.30
C PHE A 5 -27.62 3.74 -3.09
N GLY A 6 -28.42 2.68 -3.02
CA GLY A 6 -28.06 1.42 -3.65
C GLY A 6 -27.90 1.53 -5.16
N ASP A 7 -28.76 2.30 -5.80
CA ASP A 7 -28.72 2.47 -7.25
C ASP A 7 -27.47 3.23 -7.68
N TRP A 8 -26.95 4.08 -6.80
CA TRP A 8 -25.81 4.93 -7.12
C TRP A 8 -24.48 4.25 -6.83
N ILE A 9 -24.39 3.60 -5.66
CA ILE A 9 -23.12 3.08 -5.17
C ILE A 9 -22.53 1.96 -6.05
N VAL A 10 -23.40 1.17 -6.68
CA VAL A 10 -22.94 0.00 -7.43
C VAL A 10 -22.13 0.36 -8.67
N HIS A 11 -22.19 1.63 -9.08
CA HIS A 11 -21.49 2.08 -10.28
C HIS A 11 -20.17 2.77 -9.96
N ARG A 12 -19.85 2.85 -8.67
CA ARG A 12 -18.65 3.57 -8.24
C ARG A 12 -17.43 2.65 -8.23
N ARG A 13 -16.31 3.18 -8.70
CA ARG A 13 -15.07 2.41 -8.81
C ARG A 13 -14.52 1.97 -7.46
N TRP A 14 -14.90 2.67 -6.39
CA TRP A 14 -14.44 2.32 -5.05
C TRP A 14 -15.41 1.36 -4.34
N TYR A 15 -16.51 1.02 -5.01
CA TYR A 15 -17.46 0.06 -4.46
C TYR A 15 -16.99 -1.37 -4.73
N ALA A 16 -16.96 -2.18 -3.69
CA ALA A 16 -16.37 -3.51 -3.75
C ALA A 16 -17.41 -4.62 -3.59
N GLY A 17 -18.60 -4.39 -4.13
CA GLY A 17 -19.65 -5.40 -4.08
C GLY A 17 -19.34 -6.58 -4.97
N ARG A 18 -18.41 -6.37 -5.91
CA ARG A 18 -18.05 -7.38 -6.89
C ARG A 18 -19.30 -7.81 -7.67
N SER A 19 -19.61 -9.11 -7.65
CA SER A 19 -20.75 -9.63 -8.41
C SER A 19 -21.90 -10.03 -7.50
N ARG A 20 -22.10 -9.27 -6.42
CA ARG A 20 -23.07 -9.65 -5.38
C ARG A 20 -24.39 -8.89 -5.42
N GLU A 21 -25.43 -9.56 -4.96
CA GLU A 21 -26.76 -8.97 -4.82
C GLU A 21 -26.85 -8.14 -3.55
N LEU A 22 -27.21 -6.86 -3.70
CA LEU A 22 -27.41 -5.96 -2.58
C LEU A 22 -28.83 -6.12 -2.04
N VAL A 23 -28.94 -6.39 -0.74
CA VAL A 23 -30.25 -6.48 -0.09
C VAL A 23 -30.73 -5.08 0.27
N SER A 24 -29.85 -4.29 0.88
CA SER A 24 -30.19 -2.94 1.28
C SER A 24 -28.94 -2.06 1.37
N ALA A 25 -29.14 -0.77 1.19
CA ALA A 25 -28.09 0.23 1.38
C ALA A 25 -28.72 1.39 2.11
N GLU A 26 -28.48 1.46 3.42
CA GLU A 26 -29.21 2.38 4.29
C GLU A 26 -28.26 3.13 5.21
N PRO A 27 -28.54 4.42 5.47
CA PRO A 27 -27.71 5.14 6.43
C PRO A 27 -27.80 4.57 7.84
N ALA A 28 -26.66 4.23 8.43
CA ALA A 28 -26.60 3.77 9.81
C ALA A 28 -26.53 4.99 10.72
N VAL A 29 -25.78 6.00 10.28
CA VAL A 29 -25.62 7.24 11.02
C VAL A 29 -25.55 8.42 10.06
N VAL A 30 -26.36 9.44 10.33
CA VAL A 30 -26.33 10.69 9.58
C VAL A 30 -25.96 11.81 10.54
N THR A 31 -24.85 12.50 10.24
CA THR A 31 -24.36 13.59 11.08
C THR A 31 -24.33 14.88 10.28
N PRO A 32 -25.23 15.83 10.60
CA PRO A 32 -25.20 17.11 9.88
C PRO A 32 -23.90 17.88 10.16
N LEU A 33 -23.28 18.40 9.10
CA LEU A 33 -22.09 19.25 9.23
C LEU A 33 -22.48 20.70 8.98
N ARG A 34 -23.38 20.90 8.02
CA ARG A 34 -23.98 22.20 7.76
C ARG A 34 -25.43 21.96 7.38
N ASP A 35 -26.18 23.03 7.15
CA ASP A 35 -27.58 22.90 6.76
C ASP A 35 -27.72 22.20 5.40
N ASP A 36 -26.64 22.18 4.63
CA ASP A 36 -26.65 21.58 3.29
C ASP A 36 -25.55 20.53 3.13
N LEU A 37 -25.04 20.03 4.25
CA LEU A 37 -23.92 19.09 4.23
C LEU A 37 -24.11 18.01 5.29
N ASP A 38 -24.25 16.76 4.85
CA ASP A 38 -24.44 15.63 5.74
C ASP A 38 -23.33 14.61 5.62
N HIS A 39 -22.81 14.16 6.75
CA HIS A 39 -21.89 13.05 6.81
C HIS A 39 -22.70 11.77 7.03
N ILE A 40 -22.46 10.77 6.21
CA ILE A 40 -23.24 9.53 6.26
C ILE A 40 -22.37 8.29 6.34
N LEU A 41 -22.69 7.43 7.30
CA LEU A 41 -22.18 6.07 7.34
C LEU A 41 -23.26 5.18 6.76
N LEU A 42 -22.95 4.58 5.61
CA LEU A 42 -23.92 3.81 4.85
C LEU A 42 -23.63 2.32 4.97
N ASP A 43 -24.60 1.56 5.48
CA ASP A 43 -24.45 0.12 5.61
C ASP A 43 -25.07 -0.60 4.41
N VAL A 44 -24.24 -1.37 3.72
CA VAL A 44 -24.70 -2.21 2.61
C VAL A 44 -24.78 -3.64 3.09
N THR A 45 -25.97 -4.23 3.02
CA THR A 45 -26.19 -5.59 3.47
C THR A 45 -26.35 -6.52 2.28
N TYR A 46 -25.69 -7.67 2.35
CA TYR A 46 -25.73 -8.66 1.28
C TYR A 46 -26.58 -9.85 1.69
N THR A 47 -26.89 -10.72 0.75
CA THR A 47 -27.83 -11.81 0.98
C THR A 47 -27.33 -12.81 2.03
N ASP A 48 -26.03 -12.89 2.20
CA ASP A 48 -25.45 -13.79 3.21
C ASP A 48 -25.47 -13.18 4.60
N GLY A 49 -26.01 -11.97 4.71
CA GLY A 49 -26.15 -11.31 5.99
C GLY A 49 -24.99 -10.40 6.35
N THR A 50 -23.91 -10.45 5.55
CA THR A 50 -22.78 -9.60 5.84
CA THR A 50 -22.74 -9.60 5.72
C THR A 50 -23.11 -8.14 5.54
N VAL A 51 -22.50 -7.26 6.33
CA VAL A 51 -22.71 -5.83 6.21
C VAL A 51 -21.36 -5.17 5.98
N GLU A 52 -21.30 -4.32 4.96
CA GLU A 52 -20.10 -3.55 4.66
C GLU A 52 -20.44 -2.07 4.69
N ARG A 53 -19.67 -1.31 5.44
CA ARG A 53 -19.98 0.10 5.70
C ARG A 53 -19.14 1.03 4.83
N TYR A 54 -19.80 2.04 4.26
CA TYR A 54 -19.15 3.03 3.43
C TYR A 54 -19.37 4.44 3.98
N GLN A 55 -18.37 5.29 3.81
CA GLN A 55 -18.47 6.68 4.21
C GLN A 55 -18.83 7.55 3.01
N LEU A 56 -19.86 8.38 3.21
CA LEU A 56 -20.35 9.27 2.18
C LEU A 56 -20.52 10.65 2.79
N VAL A 57 -20.18 11.69 2.04
CA VAL A 57 -20.48 13.06 2.44
C VAL A 57 -21.38 13.64 1.36
N VAL A 58 -22.54 14.12 1.75
CA VAL A 58 -23.54 14.58 0.81
C VAL A 58 -23.71 16.09 0.88
N ARG A 59 -23.58 16.72 -0.29
CA ARG A 59 -23.89 18.12 -0.46
C ARG A 59 -25.27 18.24 -1.09
N TRP A 60 -26.16 18.96 -0.40
CA TRP A 60 -27.52 19.17 -0.90
C TRP A 60 -27.60 20.49 -1.64
N ALA A 61 -28.36 20.51 -2.74
CA ALA A 61 -28.62 21.73 -3.49
C ALA A 61 -30.10 21.81 -3.87
N ASP A 62 -30.65 23.02 -3.87
CA ASP A 62 -32.07 23.23 -4.18
C ASP A 62 -32.32 23.24 -5.68
N SER A 63 -31.25 23.26 -6.47
CA SER A 63 -31.36 23.20 -7.91
C SER A 63 -30.07 22.63 -8.47
N PRO A 64 -30.10 22.10 -9.71
CA PRO A 64 -28.90 21.51 -10.31
C PRO A 64 -27.69 22.43 -10.28
N VAL A 65 -26.61 21.95 -9.66
CA VAL A 65 -25.36 22.70 -9.61
C VAL A 65 -24.46 22.25 -10.76
N ALA A 66 -23.75 23.21 -11.34
CA ALA A 66 -23.09 23.01 -12.62
C ALA A 66 -21.92 22.01 -12.60
N GLY A 67 -21.03 22.17 -11.64
CA GLY A 67 -19.74 21.50 -11.67
C GLY A 67 -19.75 19.99 -11.44
N PHE A 68 -20.84 19.45 -10.89
CA PHE A 68 -20.89 18.03 -10.56
C PHE A 68 -21.15 17.16 -11.78
N GLY A 69 -20.31 16.14 -11.97
CA GLY A 69 -20.52 15.16 -13.00
C GLY A 69 -21.61 14.20 -12.61
N GLU A 70 -21.96 13.29 -13.51
CA GLU A 70 -23.03 12.32 -13.27
C GLU A 70 -22.66 11.38 -12.12
N ALA A 71 -21.38 11.01 -12.06
CA ALA A 71 -20.91 10.08 -11.04
C ALA A 71 -20.95 10.68 -9.64
N ALA A 72 -20.98 12.01 -9.56
CA ALA A 72 -21.04 12.71 -8.29
C ALA A 72 -22.47 13.06 -7.91
N THR A 73 -23.42 12.61 -8.73
CA THR A 73 -24.84 12.87 -8.47
C THR A 73 -25.47 11.62 -7.86
N ILE A 74 -25.80 11.70 -6.58
CA ILE A 74 -26.30 10.53 -5.83
C ILE A 74 -27.78 10.29 -6.06
N GLY A 75 -28.58 11.34 -5.96
CA GLY A 75 -30.02 11.21 -6.12
C GLY A 75 -30.76 12.47 -5.73
N THR A 76 -32.06 12.34 -5.52
CA THR A 76 -32.92 13.46 -5.16
C THR A 76 -33.85 13.08 -4.03
N ALA A 77 -34.32 14.10 -3.30
CA ALA A 77 -35.22 13.88 -2.18
C ALA A 77 -35.94 15.17 -1.82
N LEU A 78 -37.10 15.04 -1.20
CA LEU A 78 -37.83 16.18 -0.68
C LEU A 78 -37.27 16.58 0.67
N GLY A 79 -37.09 17.89 0.87
CA GLY A 79 -36.67 18.42 2.15
C GLY A 79 -37.63 19.50 2.61
N PRO A 80 -37.29 20.15 3.74
CA PRO A 80 -38.15 21.16 4.36
C PRO A 80 -38.44 22.39 3.49
N GLN A 81 -37.61 22.64 2.48
CA GLN A 81 -37.81 23.78 1.58
C GLN A 81 -38.17 23.37 0.17
N GLY A 82 -38.36 22.08 -0.06
CA GLY A 82 -38.73 21.56 -1.36
C GLY A 82 -37.76 20.49 -1.84
N GLU A 83 -37.69 20.33 -3.16
CA GLU A 83 -36.84 19.31 -3.76
C GLU A 83 -35.35 19.65 -3.57
N ARG A 84 -34.55 18.62 -3.34
CA ARG A 84 -33.11 18.77 -3.22
C ARG A 84 -32.40 17.72 -4.06
N ILE A 85 -31.23 18.08 -4.59
CA ILE A 85 -30.35 17.12 -5.24
C ILE A 85 -29.20 16.81 -4.31
N ALA A 86 -28.87 15.52 -4.18
CA ALA A 86 -27.76 15.07 -3.37
C ALA A 86 -26.54 14.83 -4.24
N TYR A 87 -25.45 15.53 -3.94
CA TYR A 87 -24.19 15.36 -4.63
C TYR A 87 -23.13 14.79 -3.70
N ASP A 88 -22.14 14.11 -4.27
CA ASP A 88 -20.98 13.68 -3.51
C ASP A 88 -20.15 14.92 -3.18
N ALA A 89 -20.15 15.28 -1.90
CA ALA A 89 -19.56 16.53 -1.45
C ALA A 89 -18.04 16.61 -1.62
N LEU A 90 -17.38 15.47 -1.79
CA LEU A 90 -15.93 15.49 -1.94
C LEU A 90 -15.51 16.11 -3.26
N PHE A 91 -16.47 16.26 -4.18
CA PHE A 91 -16.22 16.93 -5.45
C PHE A 91 -16.62 18.41 -5.38
N ASP A 92 -17.06 18.84 -4.21
CA ASP A 92 -17.39 20.24 -3.95
C ASP A 92 -16.21 20.87 -3.23
N PRO A 93 -15.61 21.91 -3.83
CA PRO A 93 -14.46 22.55 -3.18
C PRO A 93 -14.77 23.08 -1.77
N ASP A 94 -15.92 23.72 -1.60
CA ASP A 94 -16.29 24.30 -0.31
C ASP A 94 -16.48 23.23 0.76
N ALA A 95 -17.07 22.10 0.37
CA ALA A 95 -17.31 21.01 1.32
C ALA A 95 -16.00 20.37 1.74
N ALA A 96 -15.09 20.17 0.78
CA ALA A 96 -13.80 19.59 1.08
C ALA A 96 -13.03 20.51 2.01
N ARG A 97 -13.11 21.82 1.75
CA ARG A 97 -12.46 22.80 2.60
C ARG A 97 -13.05 22.76 4.01
N HIS A 98 -14.36 22.58 4.09
CA HIS A 98 -15.02 22.48 5.39
C HIS A 98 -14.48 21.32 6.22
N LEU A 99 -14.30 20.17 5.57
CA LEU A 99 -13.73 19.01 6.25
C LEU A 99 -12.31 19.32 6.73
N LEU A 100 -11.53 19.97 5.89
CA LEU A 100 -10.17 20.32 6.26
C LEU A 100 -10.18 21.27 7.46
N ARG A 101 -11.17 22.16 7.51
CA ARG A 101 -11.28 23.10 8.62
C ARG A 101 -11.65 22.38 9.92
N LEU A 102 -12.49 21.36 9.82
CA LEU A 102 -12.83 20.56 11.01
C LEU A 102 -11.60 19.83 11.53
N VAL A 103 -10.78 19.30 10.63
CA VAL A 103 -9.51 18.70 11.03
C VAL A 103 -8.65 19.75 11.72
N ASP A 104 -8.53 20.91 11.09
CA ASP A 104 -7.66 21.98 11.60
C ASP A 104 -8.04 22.40 13.02
N ALA A 105 -9.33 22.38 13.32
CA ALA A 105 -9.83 22.81 14.62
C ALA A 105 -9.87 21.69 15.66
N SER A 106 -9.50 20.48 15.23
CA SER A 106 -9.65 19.29 16.06
C SER A 106 -11.07 19.21 16.61
N ALA A 107 -12.04 19.43 15.73
CA ALA A 107 -13.43 19.53 16.11
C ALA A 107 -14.03 18.18 16.48
N THR A 108 -15.05 18.23 17.34
CA THR A 108 -15.91 17.08 17.59
C THR A 108 -17.32 17.46 17.16
N VAL A 109 -17.87 16.69 16.24
CA VAL A 109 -19.23 16.88 15.77
C VAL A 109 -20.00 15.58 16.01
N ALA A 110 -20.88 15.60 17.00
CA ALA A 110 -21.56 14.39 17.45
C ALA A 110 -20.52 13.30 17.75
N ASP A 111 -20.57 12.19 17.02
CA ASP A 111 -19.66 11.07 17.27
C ASP A 111 -18.46 11.10 16.33
N LEU A 112 -18.28 12.20 15.60
CA LEU A 112 -17.13 12.38 14.72
C LEU A 112 -16.04 13.13 15.47
N ARG A 113 -14.84 12.56 15.51
CA ARG A 113 -13.71 13.16 16.19
C ARG A 113 -12.60 13.49 15.21
N PHE A 114 -12.33 14.78 15.03
CA PHE A 114 -11.28 15.26 14.16
C PHE A 114 -10.08 15.68 15.00
N THR A 115 -8.89 15.46 14.47
CA THR A 115 -7.68 15.85 15.18
CA THR A 115 -7.63 15.71 15.17
C THR A 115 -6.60 16.36 14.23
N ARG A 116 -6.07 17.51 14.60
CA ARG A 116 -4.92 18.09 13.90
C ARG A 116 -3.69 17.64 14.68
N GLU A 117 -2.68 17.15 13.96
CA GLU A 117 -1.45 16.75 14.61
C GLU A 117 -0.79 17.98 15.25
N PRO A 118 -0.23 17.82 16.46
CA PRO A 118 0.32 18.99 17.16
C PRO A 118 1.39 19.72 16.34
N GLY A 119 1.25 21.04 16.23
CA GLY A 119 2.22 21.85 15.51
C GLY A 119 2.00 21.88 14.01
N ALA A 120 1.04 21.09 13.51
CA ALA A 120 0.79 21.01 12.07
C ALA A 120 0.07 22.26 11.55
N THR A 121 0.37 22.61 10.29
CA THR A 121 -0.33 23.69 9.59
C THR A 121 -1.06 23.10 8.40
N LEU A 122 -2.35 23.42 8.27
CA LEU A 122 -3.17 22.93 7.16
C LEU A 122 -3.41 24.06 6.15
N PRO A 123 -3.39 23.74 4.86
CA PRO A 123 -3.53 24.77 3.81
C PRO A 123 -4.98 25.14 3.52
N LEU A 124 -5.62 25.82 4.47
CA LEU A 124 -7.04 26.13 4.36
C LEU A 124 -7.35 27.05 3.18
N TYR A 125 -6.33 27.73 2.67
CA TYR A 125 -6.50 28.69 1.58
C TYR A 125 -6.35 28.06 0.20
N ALA A 126 -5.80 26.85 0.14
CA ALA A 126 -5.39 26.27 -1.13
C ALA A 126 -6.57 25.67 -1.90
N PRO A 127 -6.54 25.77 -3.24
CA PRO A 127 -7.63 25.24 -4.07
C PRO A 127 -7.73 23.71 -4.00
N PRO A 128 -8.89 23.19 -3.59
CA PRO A 128 -9.03 21.73 -3.56
C PRO A 128 -9.42 21.14 -4.92
N LYS A 129 -8.76 20.06 -5.30
CA LYS A 129 -9.07 19.34 -6.54
C LYS A 129 -9.03 17.84 -6.25
N VAL A 130 -10.09 17.14 -6.64
CA VAL A 130 -10.16 15.69 -6.41
C VAL A 130 -9.15 14.96 -7.28
N SER A 131 -8.42 14.03 -6.69
CA SER A 131 -7.46 13.20 -7.41
C SER A 131 -8.16 12.37 -8.47
N SER A 132 -7.56 12.32 -9.66
CA SER A 132 -8.09 11.51 -10.75
C SER A 132 -7.49 10.11 -10.73
N ALA A 133 -6.46 9.92 -9.92
CA ALA A 133 -5.75 8.64 -9.86
C ALA A 133 -6.68 7.52 -9.39
N GLU A 134 -6.51 6.33 -9.96
CA GLU A 134 -7.34 5.19 -9.62
C GLU A 134 -7.01 4.69 -8.22
N GLN A 135 -8.03 4.54 -7.39
CA GLN A 135 -7.85 4.10 -6.01
C GLN A 135 -9.17 3.67 -5.38
N SER A 136 -9.07 3.11 -4.17
CA SER A 136 -10.22 2.57 -3.46
C SER A 136 -10.87 3.60 -2.53
N ASN A 137 -10.20 4.73 -2.35
CA ASN A 137 -10.72 5.82 -1.53
C ASN A 137 -10.88 7.06 -2.39
N THR A 138 -11.10 8.21 -1.76
CA THR A 138 -11.19 9.47 -2.50
C THR A 138 -10.25 10.48 -1.86
N SER A 139 -9.37 11.04 -2.69
CA SER A 139 -8.39 12.02 -2.22
C SER A 139 -8.61 13.38 -2.85
N VAL A 140 -8.52 14.41 -2.01
CA VAL A 140 -8.61 15.79 -2.46
C VAL A 140 -7.27 16.47 -2.17
N ILE A 141 -6.67 17.04 -3.21
CA ILE A 141 -5.36 17.68 -3.07
C ILE A 141 -5.58 19.18 -2.98
N PHE A 142 -5.10 19.76 -1.89
CA PHE A 142 -5.21 21.20 -1.67
C PHE A 142 -3.95 21.88 -2.17
N GLY A 143 -4.08 22.58 -3.30
CA GLY A 143 -2.94 23.21 -3.94
C GLY A 143 -1.83 22.20 -4.14
N LYS A 144 -0.64 22.53 -3.66
N LYS A 144 -0.64 22.57 -3.67
CA LYS A 144 0.48 21.60 -3.69
CA LYS A 144 0.53 21.68 -3.69
C LYS A 144 0.95 21.34 -2.26
C LYS A 144 0.95 21.33 -2.26
N ASP A 145 0.05 21.55 -1.31
CA ASP A 145 0.40 21.54 0.10
C ASP A 145 -0.04 20.31 0.90
N ALA A 146 -1.26 19.85 0.69
CA ALA A 146 -1.77 18.74 1.49
C ALA A 146 -2.74 17.89 0.72
N MET A 147 -2.84 16.63 1.15
N MET A 147 -2.87 16.63 1.12
CA MET A 147 -3.75 15.64 0.57
CA MET A 147 -3.86 15.77 0.51
C MET A 147 -4.73 15.19 1.65
C MET A 147 -4.73 15.12 1.57
N LEU A 148 -6.03 15.36 1.40
CA LEU A 148 -7.05 14.85 2.28
C LEU A 148 -7.56 13.56 1.69
N LYS A 149 -7.32 12.45 2.37
CA LYS A 149 -7.83 11.16 1.93
C LYS A 149 -9.02 10.79 2.79
N VAL A 150 -10.16 10.59 2.13
CA VAL A 150 -11.38 10.20 2.80
C VAL A 150 -11.66 8.76 2.45
N PHE A 151 -11.69 7.91 3.47
CA PHE A 151 -11.87 6.47 3.26
C PHE A 151 -13.29 6.19 2.80
N ARG A 152 -13.42 5.31 1.83
CA ARG A 152 -14.74 4.92 1.35
C ARG A 152 -15.27 3.75 2.15
N ARG A 153 -14.72 2.55 1.93
CA ARG A 153 -15.03 1.43 2.81
C ARG A 153 -14.36 1.69 4.15
N VAL A 154 -15.14 1.61 5.23
CA VAL A 154 -14.59 1.81 6.57
C VAL A 154 -14.84 0.60 7.47
N THR A 155 -13.90 0.36 8.37
CA THR A 155 -13.88 -0.84 9.19
C THR A 155 -13.39 -0.52 10.59
N PRO A 156 -13.74 -1.37 11.57
CA PRO A 156 -13.35 -1.08 12.95
C PRO A 156 -11.89 -1.41 13.24
N GLY A 157 -11.29 -0.64 14.15
CA GLY A 157 -9.94 -0.92 14.62
C GLY A 157 -8.98 0.20 14.32
N ILE A 158 -7.72 -0.01 14.69
CA ILE A 158 -6.67 0.95 14.46
C ILE A 158 -6.23 0.89 13.01
N ASN A 159 -6.28 2.03 12.32
CA ASN A 159 -5.86 2.09 10.94
C ASN A 159 -4.34 2.14 10.86
N PRO A 160 -3.70 1.14 10.24
CA PRO A 160 -2.23 1.12 10.28
C PRO A 160 -1.56 2.27 9.52
N ASP A 161 -2.21 2.77 8.47
CA ASP A 161 -1.63 3.86 7.70
C ASP A 161 -1.54 5.11 8.57
N ILE A 162 -2.62 5.45 9.25
CA ILE A 162 -2.61 6.58 10.17
C ILE A 162 -1.67 6.31 11.35
N GLU A 163 -1.79 5.12 11.92
CA GLU A 163 -1.04 4.75 13.11
C GLU A 163 0.46 4.90 12.90
N LEU A 164 0.98 4.29 11.83
CA LEU A 164 2.42 4.27 11.63
C LEU A 164 2.93 5.60 11.10
N ASN A 165 2.15 6.29 10.28
CA ASN A 165 2.53 7.63 9.87
C ASN A 165 2.61 8.58 11.06
N ARG A 166 1.70 8.44 12.03
CA ARG A 166 1.76 9.27 13.22
C ARG A 166 3.04 8.99 14.02
N VAL A 167 3.34 7.73 14.25
CA VAL A 167 4.55 7.36 14.97
C VAL A 167 5.77 7.97 14.30
N LEU A 168 5.86 7.81 12.99
CA LEU A 168 7.03 8.26 12.25
C LEU A 168 7.15 9.78 12.25
N ALA A 169 6.05 10.47 12.02
CA ALA A 169 6.06 11.93 11.97
C ALA A 169 6.38 12.52 13.34
N GLN A 170 5.77 11.98 14.38
CA GLN A 170 5.96 12.52 15.72
C GLN A 170 7.36 12.22 16.27
N ALA A 171 8.01 11.20 15.72
CA ALA A 171 9.38 10.88 16.09
C ALA A 171 10.38 11.68 15.27
N GLY A 172 9.89 12.43 14.28
CA GLY A 172 10.74 13.27 13.47
C GLY A 172 11.46 12.55 12.34
N ASN A 173 10.92 11.41 11.93
CA ASN A 173 11.49 10.70 10.80
C ASN A 173 11.20 11.45 9.51
N ARG A 174 12.22 11.69 8.70
CA ARG A 174 12.06 12.53 7.52
C ARG A 174 11.69 11.76 6.26
N HIS A 175 11.47 10.45 6.38
CA HIS A 175 11.21 9.62 5.22
C HIS A 175 9.74 9.20 5.12
N VAL A 176 8.87 10.11 5.50
CA VAL A 176 7.43 9.94 5.32
C VAL A 176 6.84 11.24 4.78
N ALA A 177 5.68 11.14 4.14
CA ALA A 177 4.85 12.29 3.87
C ALA A 177 4.09 12.56 5.16
N ARG A 178 4.40 13.68 5.80
CA ARG A 178 3.99 13.89 7.20
C ARG A 178 2.48 13.95 7.39
N LEU A 179 2.01 13.14 8.33
CA LEU A 179 0.62 13.18 8.76
C LEU A 179 0.33 14.53 9.42
N LEU A 180 -0.69 15.23 8.93
CA LEU A 180 -1.07 16.55 9.45
C LEU A 180 -2.35 16.49 10.28
N GLY A 181 -3.16 15.46 10.06
CA GLY A 181 -4.39 15.33 10.81
C GLY A 181 -5.14 14.08 10.39
N SER A 182 -6.23 13.80 11.09
CA SER A 182 -7.03 12.62 10.79
C SER A 182 -8.39 12.78 11.44
N PHE A 183 -9.30 11.88 11.11
CA PHE A 183 -10.58 11.85 11.80
C PHE A 183 -11.15 10.45 11.85
N GLU A 184 -12.04 10.25 12.81
CA GLU A 184 -12.55 8.93 13.11
C GLU A 184 -13.92 9.05 13.76
N THR A 185 -14.56 7.90 13.94
CA THR A 185 -15.81 7.82 14.66
C THR A 185 -15.86 6.47 15.37
N SER A 186 -17.03 6.10 15.88
CA SER A 186 -17.21 4.81 16.55
C SER A 186 -17.98 3.86 15.64
N TRP A 187 -17.83 2.56 15.87
CA TRP A 187 -18.42 1.55 15.00
C TRP A 187 -19.90 1.33 15.29
N ALA A 188 -20.25 1.37 16.57
CA ALA A 188 -21.60 1.08 17.01
C ALA A 188 -22.05 2.09 18.06
N GLY A 189 -21.90 3.36 17.72
CA GLY A 189 -22.27 4.44 18.63
C GLY A 189 -21.16 4.71 19.64
N PRO A 190 -21.30 5.82 20.40
CA PRO A 190 -20.36 6.19 21.46
C PRO A 190 -20.07 5.03 22.41
N GLY A 191 -18.80 4.81 22.73
CA GLY A 191 -18.41 3.78 23.68
C GLY A 191 -17.97 2.47 23.05
N THR A 192 -17.96 2.41 21.72
CA THR A 192 -17.61 1.18 20.99
C THR A 192 -16.32 1.35 20.20
N ASP A 193 -15.98 0.32 19.41
CA ASP A 193 -14.72 0.30 18.66
C ASP A 193 -14.54 1.51 17.76
N ARG A 194 -13.31 1.99 17.65
CA ARG A 194 -13.03 3.15 16.80
C ARG A 194 -13.10 2.76 15.33
N CYS A 195 -13.36 3.76 14.49
N CYS A 195 -13.34 3.77 14.50
CA CYS A 195 -13.47 3.58 13.05
CA CYS A 195 -13.39 3.59 13.06
C CYS A 195 -12.83 4.76 12.32
C CYS A 195 -12.79 4.77 12.36
N ALA A 196 -11.65 4.53 11.73
CA ALA A 196 -10.93 5.59 11.03
C ALA A 196 -11.70 6.02 9.79
N LEU A 197 -11.74 7.33 9.56
CA LEU A 197 -12.52 7.89 8.46
C LEU A 197 -11.67 8.62 7.42
N GLY A 198 -10.53 9.14 7.81
CA GLY A 198 -9.68 9.83 6.86
C GLY A 198 -8.42 10.40 7.47
N MET A 199 -7.58 10.94 6.60
CA MET A 199 -6.27 11.42 7.02
C MET A 199 -5.85 12.57 6.12
N VAL A 200 -5.04 13.46 6.67
CA VAL A 200 -4.47 14.58 5.91
C VAL A 200 -2.97 14.46 6.00
N THR A 201 -2.32 14.52 4.84
CA THR A 201 -0.87 14.40 4.79
CA THR A 201 -0.87 14.35 4.73
C THR A 201 -0.25 15.50 3.94
N ALA A 202 0.98 15.87 4.26
CA ALA A 202 1.69 16.89 3.51
C ALA A 202 1.94 16.36 2.11
N PHE A 203 1.62 17.18 1.10
CA PHE A 203 1.79 16.76 -0.29
C PHE A 203 3.22 16.98 -0.75
N ALA A 204 3.82 15.93 -1.30
CA ALA A 204 5.19 15.99 -1.80
C ALA A 204 5.18 16.48 -3.25
N ALA A 205 5.25 17.79 -3.43
CA ALA A 205 5.24 18.38 -4.76
C ALA A 205 6.53 18.06 -5.51
N ASN A 206 6.42 17.97 -6.83
CA ASN A 206 7.58 17.72 -7.69
C ASN A 206 8.33 16.46 -7.31
N SER A 207 7.58 15.42 -6.97
CA SER A 207 8.17 14.14 -6.60
C SER A 207 8.01 13.13 -7.72
N ALA A 208 8.85 12.10 -7.70
CA ALA A 208 8.79 11.02 -8.66
C ALA A 208 8.61 9.70 -7.93
N GLU A 209 7.82 8.81 -8.51
CA GLU A 209 7.61 7.48 -7.96
C GLU A 209 8.85 6.63 -8.23
N GLY A 210 9.27 5.85 -7.24
CA GLY A 210 10.44 5.01 -7.40
C GLY A 210 10.33 4.09 -8.61
N TRP A 211 9.13 3.57 -8.84
CA TRP A 211 8.90 2.64 -9.93
C TRP A 211 9.19 3.31 -11.27
N ASP A 212 8.76 4.54 -11.43
CA ASP A 212 8.98 5.27 -12.67
C ASP A 212 10.47 5.55 -12.91
N MET A 213 11.18 5.93 -11.85
CA MET A 213 12.61 6.18 -11.95
C MET A 213 13.38 4.90 -12.29
N ALA A 214 12.99 3.80 -11.65
CA ALA A 214 13.65 2.53 -11.84
C ALA A 214 13.45 2.01 -13.27
N THR A 215 12.21 2.04 -13.74
CA THR A 215 11.93 1.54 -15.08
C THR A 215 12.62 2.37 -16.14
N ALA A 216 12.69 3.68 -15.93
CA ALA A 216 13.42 4.55 -16.86
C ALA A 216 14.89 4.13 -16.93
N SER A 217 15.51 3.91 -15.78
CA SER A 217 16.90 3.48 -15.72
C SER A 217 17.10 2.13 -16.41
N ALA A 218 16.17 1.21 -16.17
CA ALA A 218 16.26 -0.14 -16.70
C ALA A 218 15.94 -0.21 -18.19
N ARG A 219 15.46 0.90 -18.76
CA ARG A 219 15.10 0.94 -20.18
C ARG A 219 16.08 1.75 -21.03
N GLU A 220 17.07 2.36 -20.40
N GLU A 220 17.08 2.35 -20.41
CA GLU A 220 18.07 3.15 -21.13
CA GLU A 220 18.06 3.15 -21.14
C GLU A 220 18.75 2.28 -22.18
C GLU A 220 18.78 2.31 -22.18
N MET A 221 18.75 2.74 -23.43
CA MET A 221 19.30 1.95 -24.51
C MET A 221 20.82 1.91 -24.48
N PHE A 222 21.37 0.74 -24.82
CA PHE A 222 22.82 0.51 -24.86
C PHE A 222 23.50 0.77 -23.52
N ALA A 223 22.78 0.50 -22.44
CA ALA A 223 23.33 0.63 -21.09
C ALA A 223 23.88 -0.70 -20.59
N ASP A 224 24.73 -1.33 -21.40
CA ASP A 224 25.30 -2.63 -21.03
C ASP A 224 26.25 -2.50 -19.83
N VAL A 225 26.87 -1.35 -19.69
CA VAL A 225 27.65 -1.03 -18.50
C VAL A 225 26.74 -0.26 -17.55
N VAL A 226 26.31 -0.92 -16.48
CA VAL A 226 25.32 -0.34 -15.58
C VAL A 226 25.87 0.93 -14.92
N GLY A 227 25.05 1.97 -14.93
CA GLY A 227 25.46 3.28 -14.43
C GLY A 227 25.43 3.38 -12.92
N SER A 228 26.02 4.46 -12.40
CA SER A 228 26.13 4.67 -10.97
C SER A 228 25.04 5.59 -10.42
N ASP A 229 24.39 6.35 -11.29
CA ASP A 229 23.39 7.32 -10.83
C ASP A 229 22.22 6.65 -10.13
N PHE A 230 21.63 5.63 -10.74
CA PHE A 230 20.51 4.97 -10.09
C PHE A 230 20.97 4.10 -8.93
N ALA A 231 22.19 3.58 -9.00
CA ALA A 231 22.76 2.88 -7.86
C ALA A 231 22.83 3.82 -6.66
N ASP A 232 23.23 5.07 -6.90
CA ASP A 232 23.26 6.08 -5.84
C ASP A 232 21.87 6.26 -5.23
N GLU A 233 20.85 6.31 -6.09
CA GLU A 233 19.49 6.47 -5.63
C GLU A 233 19.03 5.25 -4.85
N SER A 234 19.41 4.07 -5.31
CA SER A 234 19.05 2.82 -4.63
C SER A 234 19.66 2.78 -3.24
N TYR A 235 20.90 3.25 -3.12
CA TYR A 235 21.58 3.33 -1.83
C TYR A 235 20.83 4.27 -0.89
N ARG A 236 20.45 5.44 -1.40
CA ARG A 236 19.70 6.40 -0.60
C ARG A 236 18.34 5.84 -0.19
N LEU A 237 17.73 5.05 -1.07
CA LEU A 237 16.46 4.41 -0.75
C LEU A 237 16.65 3.39 0.38
N GLY A 238 17.75 2.66 0.32
CA GLY A 238 18.11 1.74 1.40
C GLY A 238 18.28 2.45 2.72
N ASN A 239 18.96 3.61 2.71
CA ASN A 239 19.07 4.43 3.90
C ASN A 239 17.69 4.73 4.48
N ALA A 240 16.77 5.14 3.60
CA ALA A 240 15.45 5.58 4.01
C ALA A 240 14.64 4.44 4.63
N VAL A 241 14.66 3.27 4.01
CA VAL A 241 13.90 2.15 4.52
C VAL A 241 14.44 1.73 5.89
N ALA A 242 15.76 1.66 6.02
CA ALA A 242 16.36 1.29 7.30
C ALA A 242 16.01 2.32 8.39
N SER A 243 15.97 3.59 8.00
CA SER A 243 15.65 4.65 8.95
C SER A 243 14.22 4.51 9.47
N VAL A 244 13.29 4.26 8.56
CA VAL A 244 11.91 4.03 8.92
C VAL A 244 11.80 2.81 9.85
N HIS A 245 12.47 1.72 9.49
CA HIS A 245 12.45 0.52 10.33
C HIS A 245 12.98 0.82 11.74
N ALA A 246 14.06 1.59 11.82
CA ALA A 246 14.66 1.91 13.10
C ALA A 246 13.69 2.69 14.00
N THR A 247 13.03 3.69 13.42
CA THR A 247 12.07 4.47 14.19
C THR A 247 10.91 3.60 14.67
N LEU A 248 10.42 2.73 13.80
CA LEU A 248 9.33 1.84 14.17
C LEU A 248 9.74 0.84 15.24
N ALA A 249 10.96 0.33 15.16
CA ALA A 249 11.45 -0.62 16.14
C ALA A 249 11.52 0.02 17.52
N GLU A 250 12.03 1.24 17.58
CA GLU A 250 12.17 1.92 18.86
C GLU A 250 10.81 2.22 19.47
N ALA A 251 9.88 2.70 18.65
CA ALA A 251 8.57 3.10 19.15
C ALA A 251 7.69 1.91 19.53
N LEU A 252 7.61 0.92 18.65
CA LEU A 252 6.61 -0.13 18.78
C LEU A 252 7.21 -1.50 19.12
N GLY A 253 8.53 -1.52 19.33
CA GLY A 253 9.18 -2.67 19.92
C GLY A 253 9.62 -3.73 18.94
N THR A 254 10.40 -4.68 19.46
CA THR A 254 10.78 -5.85 18.68
C THR A 254 10.54 -7.08 19.54
N SER A 255 10.38 -8.21 18.87
CA SER A 255 10.20 -9.49 19.54
C SER A 255 10.79 -10.55 18.63
N THR A 256 10.76 -11.79 19.09
N THR A 256 10.78 -11.81 19.03
CA THR A 256 11.22 -12.91 18.30
CA THR A 256 11.25 -13.09 18.51
C THR A 256 10.15 -13.99 18.18
C THR A 256 10.11 -14.05 18.21
N GLU A 257 10.12 -14.61 17.01
CA GLU A 257 9.16 -15.64 16.65
C GLU A 257 9.90 -16.65 15.79
N PRO A 258 9.37 -17.88 15.69
CA PRO A 258 9.95 -18.81 14.72
C PRO A 258 9.64 -18.37 13.29
N PHE A 259 10.54 -18.67 12.35
CA PHE A 259 10.26 -18.41 10.95
C PHE A 259 8.94 -19.13 10.61
N PRO A 260 8.04 -18.46 9.87
CA PRO A 260 6.69 -18.99 9.67
C PRO A 260 6.61 -20.05 8.57
N VAL A 261 7.22 -21.20 8.83
CA VAL A 261 7.28 -22.28 7.83
C VAL A 261 5.89 -22.71 7.37
N ASP A 262 4.98 -22.93 8.31
CA ASP A 262 3.66 -23.44 7.93
C ASP A 262 2.89 -22.43 7.09
N THR A 263 3.05 -21.14 7.40
CA THR A 263 2.38 -20.09 6.64
C THR A 263 2.89 -20.04 5.19
N VAL A 264 4.20 -20.07 5.00
CA VAL A 264 4.73 -20.00 3.65
C VAL A 264 4.46 -21.30 2.88
N LEU A 265 4.40 -22.43 3.60
CA LEU A 265 4.03 -23.69 2.94
C LEU A 265 2.58 -23.67 2.46
N ALA A 266 1.68 -23.11 3.26
CA ALA A 266 0.29 -23.00 2.85
C ALA A 266 0.16 -22.11 1.61
N ARG A 267 0.94 -21.03 1.57
CA ARG A 267 0.93 -20.15 0.41
C ARG A 267 1.48 -20.86 -0.84
N LEU A 268 2.51 -21.68 -0.65
CA LEU A 268 3.06 -22.45 -1.74
C LEU A 268 2.04 -23.45 -2.30
N GLN A 269 1.34 -24.13 -1.41
N GLN A 269 1.34 -24.14 -1.41
CA GLN A 269 0.35 -25.12 -1.80
CA GLN A 269 0.34 -25.12 -1.84
C GLN A 269 -0.79 -24.48 -2.59
C GLN A 269 -0.77 -24.45 -2.64
N SER A 270 -1.23 -23.30 -2.15
CA SER A 270 -2.27 -22.56 -2.85
C SER A 270 -1.78 -22.08 -4.21
N ALA A 271 -0.57 -21.53 -4.24
CA ALA A 271 -0.01 -20.99 -5.48
C ALA A 271 0.14 -22.07 -6.54
N ALA A 272 0.56 -23.25 -6.11
CA ALA A 272 0.81 -24.35 -7.04
C ALA A 272 -0.46 -24.81 -7.75
N ARG A 273 -1.62 -24.48 -7.19
CA ARG A 273 -2.90 -24.82 -7.80
C ARG A 273 -3.24 -23.83 -8.91
N SER A 274 -2.68 -22.63 -8.83
CA SER A 274 -2.93 -21.58 -9.79
C SER A 274 -1.91 -21.63 -10.91
N ALA A 275 -0.69 -22.00 -10.57
CA ALA A 275 0.41 -22.08 -11.52
C ALA A 275 0.95 -23.51 -11.52
N PRO A 276 0.49 -24.34 -12.47
CA PRO A 276 1.00 -25.73 -12.53
C PRO A 276 2.51 -25.80 -12.73
N GLU A 277 3.09 -24.73 -13.27
N GLU A 277 3.08 -24.73 -13.28
CA GLU A 277 4.52 -24.66 -13.50
CA GLU A 277 4.53 -24.64 -13.50
C GLU A 277 5.34 -24.87 -12.23
C GLU A 277 5.33 -24.89 -12.22
N LEU A 278 4.76 -24.53 -11.08
CA LEU A 278 5.22 -24.55 -9.68
C LEU A 278 5.39 -25.96 -9.09
N ALA A 279 4.59 -26.91 -9.54
CA ALA A 279 4.68 -28.28 -9.04
C ALA A 279 6.10 -28.83 -9.22
N GLY A 280 6.73 -28.45 -10.33
CA GLY A 280 8.07 -28.88 -10.64
C GLY A 280 9.13 -28.28 -9.72
N ARG A 281 8.73 -27.27 -8.95
N ARG A 281 8.75 -27.24 -8.96
CA ARG A 281 9.64 -26.57 -8.05
CA ARG A 281 9.67 -26.60 -8.03
C ARG A 281 9.19 -26.67 -6.59
C ARG A 281 9.20 -26.69 -6.58
N ALA A 282 7.97 -27.17 -6.38
CA ALA A 282 7.38 -27.18 -5.04
C ALA A 282 8.20 -27.95 -4.01
N ALA A 283 8.72 -29.10 -4.41
CA ALA A 283 9.54 -29.90 -3.50
C ALA A 283 10.79 -29.15 -3.07
N ALA A 284 11.43 -28.49 -4.03
CA ALA A 284 12.65 -27.73 -3.74
C ALA A 284 12.35 -26.53 -2.85
N VAL A 285 11.26 -25.84 -3.12
CA VAL A 285 10.89 -24.70 -2.30
C VAL A 285 10.60 -25.16 -0.88
N GLU A 286 9.82 -26.24 -0.75
CA GLU A 286 9.46 -26.74 0.56
C GLU A 286 10.69 -27.14 1.38
N GLU A 287 11.66 -27.78 0.72
CA GLU A 287 12.88 -28.18 1.40
C GLU A 287 13.59 -26.96 2.00
N ARG A 288 13.70 -25.89 1.22
CA ARG A 288 14.35 -24.67 1.69
C ARG A 288 13.62 -24.09 2.89
N TYR A 289 12.29 -24.01 2.79
CA TYR A 289 11.48 -23.48 3.89
C TYR A 289 11.66 -24.33 5.15
N ARG A 290 11.63 -25.65 5.00
CA ARG A 290 11.69 -26.52 6.17
C ARG A 290 13.05 -26.48 6.86
N ARG A 291 14.09 -26.11 6.12
N ARG A 291 14.09 -26.09 6.13
CA ARG A 291 15.41 -25.92 6.70
CA ARG A 291 15.41 -25.93 6.73
C ARG A 291 15.42 -24.77 7.72
C ARG A 291 15.42 -24.77 7.72
N LEU A 292 14.41 -23.90 7.63
CA LEU A 292 14.27 -22.78 8.55
C LEU A 292 13.36 -23.09 9.73
N ASP A 293 12.90 -24.33 9.83
CA ASP A 293 12.03 -24.72 10.94
C ASP A 293 12.77 -24.48 12.25
N GLY A 294 12.15 -23.70 13.12
CA GLY A 294 12.72 -23.41 14.43
C GLY A 294 13.68 -22.24 14.45
N ARG A 295 13.99 -21.66 13.28
N ARG A 295 13.95 -21.65 13.28
CA ARG A 295 14.86 -20.50 13.21
CA ARG A 295 14.81 -20.49 13.23
C ARG A 295 14.17 -19.28 13.82
C ARG A 295 14.12 -19.30 13.86
N ALA A 296 14.78 -18.71 14.85
CA ALA A 296 14.24 -17.52 15.50
C ALA A 296 14.50 -16.30 14.63
N ILE A 297 13.47 -15.51 14.40
CA ILE A 297 13.61 -14.27 13.64
C ILE A 297 13.14 -13.09 14.48
N THR A 298 13.81 -11.97 14.31
CA THR A 298 13.42 -10.74 14.97
C THR A 298 12.34 -10.05 14.14
N VAL A 299 11.26 -9.68 14.80
CA VAL A 299 10.14 -9.02 14.13
C VAL A 299 9.81 -7.70 14.80
N GLN A 300 9.17 -6.82 14.05
CA GLN A 300 8.81 -5.49 14.49
C GLN A 300 7.70 -4.99 13.59
N ARG A 301 7.14 -3.83 13.89
CA ARG A 301 6.20 -3.23 12.96
C ARG A 301 6.95 -2.80 11.70
N VAL A 302 6.35 -3.10 10.56
CA VAL A 302 6.97 -2.86 9.26
C VAL A 302 5.97 -2.21 8.31
N HIS A 303 6.44 -1.86 7.12
CA HIS A 303 5.58 -1.28 6.10
C HIS A 303 4.54 -2.30 5.62
N GLY A 304 5.00 -3.49 5.24
CA GLY A 304 4.10 -4.60 4.98
C GLY A 304 3.63 -4.79 3.54
N ASP A 305 3.86 -3.81 2.70
CA ASP A 305 3.52 -3.91 1.28
C ASP A 305 4.50 -3.05 0.48
N LEU A 306 5.79 -3.28 0.70
CA LEU A 306 6.81 -2.37 0.20
C LEU A 306 7.33 -2.78 -1.17
N HIS A 307 7.33 -1.82 -2.07
CA HIS A 307 7.84 -1.99 -3.42
C HIS A 307 8.06 -0.58 -3.98
N LEU A 308 8.56 -0.48 -5.21
CA LEU A 308 8.99 0.81 -5.73
C LEU A 308 7.85 1.78 -6.01
N GLY A 309 6.63 1.27 -6.09
CA GLY A 309 5.45 2.11 -6.21
C GLY A 309 5.04 2.80 -4.92
N GLN A 310 5.65 2.40 -3.81
CA GLN A 310 5.29 2.91 -2.49
C GLN A 310 6.31 3.91 -1.97
N VAL A 311 7.24 4.33 -2.82
CA VAL A 311 8.27 5.27 -2.41
C VAL A 311 8.31 6.44 -3.38
N LEU A 312 8.51 7.64 -2.83
CA LEU A 312 8.52 8.87 -3.62
C LEU A 312 9.83 9.58 -3.40
N ARG A 313 10.43 10.03 -4.50
CA ARG A 313 11.65 10.82 -4.43
C ARG A 313 11.28 12.30 -4.55
N THR A 314 11.41 13.02 -3.44
CA THR A 314 11.22 14.47 -3.45
C THR A 314 12.55 15.07 -3.87
N PRO A 315 12.61 16.41 -3.99
CA PRO A 315 13.91 17.00 -4.30
C PRO A 315 14.99 16.68 -3.27
N ASP A 316 14.59 16.33 -2.05
CA ASP A 316 15.54 16.18 -0.94
C ASP A 316 15.69 14.76 -0.41
N ASP A 317 14.64 13.95 -0.47
CA ASP A 317 14.65 12.65 0.17
C ASP A 317 13.73 11.64 -0.47
N TRP A 318 13.96 10.37 -0.17
CA TRP A 318 12.99 9.32 -0.43
C TRP A 318 12.00 9.28 0.73
N LEU A 319 10.72 9.19 0.39
CA LEU A 319 9.66 8.99 1.39
C LEU A 319 8.99 7.65 1.15
N LEU A 320 8.59 7.00 2.23
CA LEU A 320 7.74 5.81 2.15
C LEU A 320 6.30 6.24 2.40
N ILE A 321 5.39 5.75 1.57
CA ILE A 321 3.96 6.03 1.73
C ILE A 321 3.17 4.73 1.75
N ASP A 322 1.91 4.83 2.19
CA ASP A 322 0.95 3.73 2.14
C ASP A 322 1.32 2.60 3.09
N PHE A 323 1.11 2.85 4.38
CA PHE A 323 1.42 1.88 5.43
C PHE A 323 0.18 1.07 5.83
N GLU A 324 -0.80 0.94 4.95
CA GLU A 324 -2.02 0.22 5.30
C GLU A 324 -1.78 -1.27 5.48
N GLY A 325 -0.74 -1.78 4.84
CA GLY A 325 -0.45 -3.20 4.86
C GLY A 325 -0.85 -3.87 3.56
N GLU A 326 -0.63 -5.18 3.49
CA GLU A 326 -0.88 -5.94 2.28
C GLU A 326 -2.40 -6.02 1.99
N PRO A 327 -2.82 -5.57 0.80
CA PRO A 327 -4.25 -5.37 0.46
C PRO A 327 -5.25 -6.46 0.85
N GLY A 328 -4.86 -7.73 0.82
CA GLY A 328 -5.81 -8.82 1.01
C GLY A 328 -5.98 -9.33 2.43
N GLN A 329 -5.16 -8.83 3.35
CA GLN A 329 -5.12 -9.37 4.71
C GLN A 329 -6.06 -8.64 5.67
N PRO A 330 -6.60 -9.36 6.68
CA PRO A 330 -7.40 -8.70 7.71
C PRO A 330 -6.56 -7.72 8.54
N LEU A 331 -7.23 -6.78 9.21
N LEU A 331 -7.22 -6.80 9.23
CA LEU A 331 -6.55 -5.74 9.96
CA LEU A 331 -6.54 -5.72 9.94
C LEU A 331 -5.55 -6.30 10.95
C LEU A 331 -5.59 -6.22 11.03
N ASP A 332 -6.02 -7.18 11.83
CA ASP A 332 -5.19 -7.71 12.91
C ASP A 332 -3.91 -8.31 12.35
N GLU A 333 -4.03 -8.93 11.17
N GLU A 333 -4.01 -8.95 11.18
CA GLU A 333 -2.89 -9.51 10.50
CA GLU A 333 -2.84 -9.50 10.52
C GLU A 333 -1.98 -8.39 9.98
C GLU A 333 -1.96 -8.38 9.99
N ARG A 334 -2.58 -7.32 9.46
CA ARG A 334 -1.83 -6.20 8.93
C ARG A 334 -1.09 -5.42 10.02
N ARG A 335 -1.55 -5.55 11.26
CA ARG A 335 -0.87 -4.88 12.39
C ARG A 335 0.10 -5.79 13.13
N ARG A 336 0.23 -7.05 12.69
CA ARG A 336 1.21 -7.95 13.28
C ARG A 336 2.62 -7.51 12.94
N PRO A 337 3.55 -7.67 13.88
CA PRO A 337 4.95 -7.44 13.52
C PRO A 337 5.44 -8.50 12.53
N ASP A 338 6.47 -8.17 11.77
CA ASP A 338 7.03 -9.10 10.80
C ASP A 338 8.52 -8.78 10.69
N SER A 339 9.25 -9.57 9.92
CA SER A 339 10.67 -9.33 9.75
C SER A 339 10.92 -8.11 8.86
N PRO A 340 11.83 -7.21 9.28
CA PRO A 340 12.24 -6.14 8.36
C PRO A 340 12.78 -6.68 7.04
N LEU A 341 13.31 -7.90 7.06
CA LEU A 341 13.87 -8.50 5.86
C LEU A 341 12.78 -8.79 4.84
N ARG A 342 11.54 -8.93 5.28
CA ARG A 342 10.44 -9.15 4.35
C ARG A 342 10.15 -7.86 3.57
N ASP A 343 10.25 -6.71 4.22
CA ASP A 343 10.16 -5.42 3.52
C ASP A 343 11.31 -5.28 2.52
N VAL A 344 12.52 -5.64 2.95
CA VAL A 344 13.69 -5.61 2.05
C VAL A 344 13.43 -6.51 0.82
N ALA A 345 12.94 -7.72 1.07
CA ALA A 345 12.61 -8.63 -0.02
C ALA A 345 11.61 -8.01 -1.00
N GLY A 346 10.64 -7.27 -0.47
CA GLY A 346 9.67 -6.61 -1.31
C GLY A 346 10.31 -5.65 -2.30
N VAL A 347 11.28 -4.88 -1.85
CA VAL A 347 11.99 -3.97 -2.73
C VAL A 347 12.83 -4.75 -3.76
N LEU A 348 13.49 -5.82 -3.33
CA LEU A 348 14.29 -6.61 -4.25
C LEU A 348 13.43 -7.21 -5.36
N ARG A 349 12.24 -7.69 -5.02
CA ARG A 349 11.32 -8.21 -6.04
C ARG A 349 10.95 -7.10 -7.02
N SER A 350 10.74 -5.90 -6.48
CA SER A 350 10.34 -4.77 -7.29
C SER A 350 11.45 -4.38 -8.30
N PHE A 351 12.71 -4.39 -7.86
CA PHE A 351 13.82 -4.17 -8.80
C PHE A 351 13.78 -5.18 -9.95
N GLU A 352 13.49 -6.44 -9.63
N GLU A 352 13.50 -6.44 -9.62
CA GLU A 352 13.45 -7.49 -10.64
CA GLU A 352 13.45 -7.51 -10.61
C GLU A 352 12.41 -7.19 -11.70
C GLU A 352 12.41 -7.19 -11.69
N TYR A 353 11.21 -6.83 -11.27
CA TYR A 353 10.16 -6.50 -12.21
C TYR A 353 10.49 -5.25 -13.03
N ALA A 354 11.11 -4.26 -12.38
CA ALA A 354 11.45 -3.01 -13.08
C ALA A 354 12.38 -3.28 -14.26
N ALA A 355 13.31 -4.22 -14.09
CA ALA A 355 14.28 -4.54 -15.12
C ALA A 355 13.72 -5.48 -16.18
N TYR A 356 12.96 -6.48 -15.75
CA TYR A 356 12.54 -7.54 -16.66
C TYR A 356 11.21 -7.28 -17.37
N GLN A 357 10.47 -6.25 -16.97
CA GLN A 357 9.25 -5.89 -17.71
C GLN A 357 9.60 -5.69 -19.18
N LYS A 358 10.76 -5.09 -19.43
CA LYS A 358 11.17 -4.84 -20.80
C LYS A 358 11.20 -6.13 -21.62
N LEU A 359 11.74 -7.18 -21.04
N LEU A 359 11.73 -7.19 -21.03
CA LEU A 359 11.93 -8.44 -21.75
CA LEU A 359 11.95 -8.43 -21.76
C LEU A 359 10.63 -9.11 -22.14
C LEU A 359 10.65 -9.15 -22.12
N VAL A 360 9.69 -9.17 -21.20
CA VAL A 360 8.43 -9.88 -21.46
C VAL A 360 7.57 -9.14 -22.48
N GLU A 361 7.89 -7.87 -22.73
CA GLU A 361 7.16 -7.06 -23.70
C GLU A 361 7.79 -7.09 -25.09
N LEU A 362 9.01 -7.59 -25.18
CA LEU A 362 9.68 -7.71 -26.48
C LEU A 362 9.38 -9.06 -27.12
N ALA A 363 9.42 -9.11 -28.44
CA ALA A 363 9.33 -10.36 -29.17
C ALA A 363 10.64 -11.12 -28.96
N PRO A 364 10.60 -12.46 -29.07
CA PRO A 364 11.82 -13.28 -28.90
C PRO A 364 12.96 -12.83 -29.81
N GLU A 365 12.61 -12.38 -31.01
CA GLU A 365 13.59 -12.03 -32.02
C GLU A 365 14.35 -10.75 -31.66
N GLN A 366 13.81 -9.98 -30.73
CA GLN A 366 14.42 -8.72 -30.33
C GLN A 366 15.51 -8.90 -29.28
N ASP A 367 15.63 -10.11 -28.73
CA ASP A 367 16.72 -10.43 -27.81
C ASP A 367 17.11 -11.90 -27.97
N ALA A 368 17.42 -12.27 -29.21
CA ALA A 368 17.68 -13.67 -29.56
C ALA A 368 18.87 -14.26 -28.81
N ASP A 369 19.89 -13.43 -28.56
CA ASP A 369 21.11 -13.89 -27.90
C ASP A 369 21.11 -13.63 -26.40
N GLY A 370 20.03 -13.03 -25.89
CA GLY A 370 19.86 -12.83 -24.47
C GLY A 370 20.68 -11.70 -23.86
N ARG A 371 21.24 -10.84 -24.69
CA ARG A 371 22.08 -9.77 -24.17
C ARG A 371 21.30 -8.70 -23.39
N LEU A 372 20.04 -8.44 -23.76
CA LEU A 372 19.22 -7.53 -22.96
C LEU A 372 18.84 -8.19 -21.64
N ALA A 373 18.63 -9.49 -21.66
CA ALA A 373 18.39 -10.25 -20.44
C ALA A 373 19.60 -10.19 -19.52
N ASP A 374 20.80 -10.31 -20.08
CA ASP A 374 22.02 -10.19 -19.29
C ASP A 374 22.10 -8.82 -18.63
N ARG A 375 21.79 -7.79 -19.40
CA ARG A 375 21.82 -6.43 -18.87
C ARG A 375 20.83 -6.26 -17.72
N ALA A 376 19.63 -6.82 -17.89
CA ALA A 376 18.62 -6.76 -16.85
C ALA A 376 19.14 -7.40 -15.55
N ARG A 377 19.73 -8.59 -15.67
CA ARG A 377 20.31 -9.26 -14.52
C ARG A 377 21.36 -8.39 -13.86
N ASN A 378 22.26 -7.83 -14.66
CA ASN A 378 23.33 -7.01 -14.12
C ASN A 378 22.80 -5.76 -13.42
N TRP A 379 21.76 -5.17 -13.99
CA TRP A 379 21.14 -3.98 -13.41
C TRP A 379 20.48 -4.33 -12.07
N VAL A 380 19.77 -5.44 -12.01
CA VAL A 380 19.13 -5.86 -10.77
C VAL A 380 20.20 -6.12 -9.70
N ASP A 381 21.26 -6.82 -10.08
CA ASP A 381 22.33 -7.11 -9.12
C ASP A 381 22.96 -5.85 -8.56
N ARG A 382 23.26 -4.89 -9.43
CA ARG A 382 23.92 -3.65 -9.03
C ARG A 382 23.04 -2.87 -8.07
N ASN A 383 21.78 -2.73 -8.41
CA ASN A 383 20.89 -1.89 -7.62
C ASN A 383 20.43 -2.58 -6.33
N SER A 384 20.30 -3.90 -6.37
CA SER A 384 20.01 -4.65 -5.17
C SER A 384 21.15 -4.52 -4.16
N ALA A 385 22.39 -4.61 -4.66
CA ALA A 385 23.55 -4.47 -3.79
C ALA A 385 23.59 -3.08 -3.17
N ALA A 386 23.34 -2.07 -4.00
CA ALA A 386 23.35 -0.69 -3.53
C ALA A 386 22.29 -0.47 -2.46
N PHE A 387 21.09 -0.98 -2.70
CA PHE A 387 20.01 -0.86 -1.74
C PHE A 387 20.38 -1.51 -0.41
N CYS A 388 20.89 -2.72 -0.45
CA CYS A 388 21.27 -3.43 0.76
C CYS A 388 22.41 -2.72 1.50
N ALA A 389 23.36 -2.17 0.75
CA ALA A 389 24.46 -1.43 1.35
C ALA A 389 23.96 -0.16 2.04
N GLY A 390 23.01 0.52 1.42
CA GLY A 390 22.44 1.72 1.99
C GLY A 390 21.65 1.40 3.26
N TYR A 391 20.96 0.27 3.22
CA TYR A 391 20.23 -0.20 4.38
C TYR A 391 21.22 -0.48 5.52
N ALA A 392 22.30 -1.19 5.19
CA ALA A 392 23.31 -1.56 6.17
C ALA A 392 23.96 -0.34 6.82
N ALA A 393 24.16 0.71 6.03
CA ALA A 393 24.84 1.91 6.52
C ALA A 393 24.08 2.55 7.67
N VAL A 394 22.76 2.40 7.67
CA VAL A 394 21.90 2.97 8.70
C VAL A 394 21.64 1.94 9.80
N ALA A 395 21.33 0.72 9.41
CA ALA A 395 20.96 -0.31 10.37
C ALA A 395 22.15 -0.75 11.22
N GLY A 396 23.34 -0.67 10.64
CA GLY A 396 24.52 -1.22 11.29
C GLY A 396 24.59 -2.71 11.17
N ASP A 397 23.70 -3.27 10.35
N ASP A 397 23.64 -3.29 10.42
CA ASP A 397 23.67 -4.70 10.10
CA ASP A 397 23.68 -4.71 10.09
C ASP A 397 23.17 -4.91 8.68
C ASP A 397 23.20 -4.87 8.66
N ASP A 398 23.93 -5.65 7.87
CA ASP A 398 23.59 -5.84 6.46
C ASP A 398 22.46 -6.86 6.35
N PRO A 399 21.39 -6.54 5.58
CA PRO A 399 20.31 -7.53 5.46
C PRO A 399 20.78 -8.84 4.86
N ARG A 400 21.88 -8.80 4.12
CA ARG A 400 22.39 -9.99 3.46
C ARG A 400 23.05 -10.94 4.47
N ARG A 401 23.34 -10.47 5.68
CA ARG A 401 23.93 -11.30 6.72
C ARG A 401 23.02 -12.49 7.04
N ASP A 402 21.75 -12.21 7.33
N ASP A 402 21.75 -12.19 7.27
CA ASP A 402 20.75 -13.26 7.51
CA ASP A 402 20.73 -13.21 7.51
C ASP A 402 20.18 -13.61 6.14
C ASP A 402 20.18 -13.63 6.15
N GLY A 403 21.08 -14.01 5.25
CA GLY A 403 20.74 -14.26 3.86
C GLY A 403 19.73 -15.37 3.63
N ASP A 404 19.70 -16.33 4.55
CA ASP A 404 18.75 -17.43 4.42
C ASP A 404 17.32 -16.94 4.65
N VAL A 405 17.11 -16.16 5.69
CA VAL A 405 15.80 -15.61 5.98
C VAL A 405 15.38 -14.64 4.86
N LEU A 406 16.30 -13.78 4.45
CA LEU A 406 16.01 -12.83 3.38
C LEU A 406 15.58 -13.56 2.11
N ALA A 407 16.37 -14.55 1.70
CA ALA A 407 16.08 -15.27 0.47
C ALA A 407 14.77 -16.04 0.55
N ALA A 408 14.43 -16.55 1.74
CA ALA A 408 13.16 -17.26 1.92
C ALA A 408 11.98 -16.31 1.72
N TYR A 409 12.09 -15.09 2.21
CA TYR A 409 11.03 -14.10 2.00
C TYR A 409 10.95 -13.70 0.53
N GLU A 410 12.09 -13.60 -0.16
CA GLU A 410 12.08 -13.33 -1.59
C GLU A 410 11.39 -14.47 -2.33
N LEU A 411 11.69 -15.70 -1.93
CA LEU A 411 11.13 -16.88 -2.57
C LEU A 411 9.61 -16.92 -2.39
N ASP A 412 9.15 -16.65 -1.18
CA ASP A 412 7.72 -16.64 -0.89
C ASP A 412 7.01 -15.59 -1.75
N LYS A 413 7.64 -14.43 -1.94
CA LYS A 413 7.05 -13.42 -2.81
C LYS A 413 7.02 -13.85 -4.27
N ALA A 414 8.09 -14.49 -4.73
CA ALA A 414 8.15 -14.96 -6.11
C ALA A 414 7.11 -16.05 -6.39
N VAL A 415 6.89 -16.92 -5.41
CA VAL A 415 5.88 -17.97 -5.53
C VAL A 415 4.49 -17.32 -5.66
N TYR A 416 4.22 -16.33 -4.83
CA TYR A 416 2.95 -15.61 -4.89
C TYR A 416 2.79 -14.90 -6.23
N GLU A 417 3.87 -14.26 -6.69
CA GLU A 417 3.87 -13.59 -7.99
C GLU A 417 3.55 -14.55 -9.12
N ALA A 418 4.14 -15.74 -9.07
CA ALA A 418 3.93 -16.73 -10.12
C ALA A 418 2.46 -17.10 -10.24
N ALA A 419 1.81 -17.28 -9.10
CA ALA A 419 0.40 -17.61 -9.08
C ALA A 419 -0.42 -16.47 -9.68
N TYR A 420 -0.04 -15.23 -9.35
CA TYR A 420 -0.73 -14.07 -9.89
C TYR A 420 -0.58 -13.97 -11.40
N GLU A 421 0.65 -14.06 -11.89
CA GLU A 421 0.89 -13.91 -13.32
C GLU A 421 0.21 -15.03 -14.10
N ALA A 422 0.27 -16.25 -13.58
CA ALA A 422 -0.34 -17.39 -14.25
C ALA A 422 -1.84 -17.16 -14.49
N ARG A 423 -2.49 -16.45 -13.57
N ARG A 423 -2.47 -16.45 -13.56
CA ARG A 423 -3.91 -16.18 -13.68
CA ARG A 423 -3.91 -16.18 -13.64
C ARG A 423 -4.22 -14.94 -14.51
C ARG A 423 -4.22 -14.95 -14.49
N PHE A 424 -3.52 -13.84 -14.21
CA PHE A 424 -3.86 -12.53 -14.78
C PHE A 424 -2.98 -12.06 -15.94
N ARG A 425 -1.72 -12.50 -15.97
CA ARG A 425 -0.76 -12.01 -16.97
C ARG A 425 0.23 -13.09 -17.37
N PRO A 426 -0.22 -14.09 -18.14
CA PRO A 426 0.64 -15.24 -18.43
C PRO A 426 2.00 -14.88 -19.04
N SER A 427 2.06 -13.81 -19.82
CA SER A 427 3.30 -13.43 -20.49
C SER A 427 4.36 -12.95 -19.50
N TRP A 428 3.94 -12.62 -18.28
CA TRP A 428 4.86 -12.16 -17.25
C TRP A 428 5.35 -13.29 -16.36
N LEU A 429 4.75 -14.47 -16.51
CA LEU A 429 5.07 -15.61 -15.66
C LEU A 429 6.57 -15.97 -15.65
N PRO A 430 7.26 -15.82 -16.80
CA PRO A 430 8.69 -16.14 -16.78
C PRO A 430 9.51 -15.34 -15.78
N ILE A 431 9.04 -14.15 -15.39
CA ILE A 431 9.79 -13.33 -14.44
C ILE A 431 9.90 -14.02 -13.08
N PRO A 432 8.76 -14.29 -12.40
CA PRO A 432 8.92 -14.97 -11.11
C PRO A 432 9.46 -16.40 -11.23
N MET A 433 9.19 -17.09 -12.34
CA MET A 433 9.72 -18.45 -12.48
C MET A 433 11.25 -18.42 -12.57
N ARG A 434 11.80 -17.46 -13.29
CA ARG A 434 13.24 -17.29 -13.34
C ARG A 434 13.77 -16.96 -11.95
N SER A 435 13.07 -16.07 -11.25
CA SER A 435 13.47 -15.68 -9.91
C SER A 435 13.51 -16.87 -8.97
N ILE A 436 12.51 -17.74 -9.05
CA ILE A 436 12.44 -18.91 -8.18
C ILE A 436 13.70 -19.77 -8.35
N ASP A 437 14.09 -20.04 -9.59
CA ASP A 437 15.28 -20.87 -9.80
C ASP A 437 16.55 -20.17 -9.28
N ARG A 438 16.66 -18.87 -9.49
CA ARG A 438 17.81 -18.11 -8.99
C ARG A 438 17.81 -18.09 -7.46
N ILE A 439 16.66 -17.76 -6.88
CA ILE A 439 16.57 -17.60 -5.43
C ILE A 439 16.76 -18.94 -4.72
N LEU A 440 16.32 -20.03 -5.35
CA LEU A 440 16.52 -21.36 -4.79
C LEU A 440 18.00 -21.59 -4.53
N GLY A 441 18.84 -21.19 -5.47
CA GLY A 441 20.28 -21.31 -5.32
C GLY A 441 20.84 -20.33 -4.31
N LYS A 442 20.33 -19.10 -4.32
CA LYS A 442 20.74 -18.09 -3.35
C LYS A 442 20.46 -18.59 -1.94
N LEU A 443 19.26 -19.12 -1.75
CA LEU A 443 18.81 -19.59 -0.45
C LEU A 443 19.61 -20.83 -0.02
N ALA A 444 19.85 -21.75 -0.95
CA ALA A 444 20.64 -22.94 -0.64
C ALA A 444 22.04 -22.53 -0.17
N ALA A 445 22.64 -21.57 -0.85
CA ALA A 445 23.96 -21.07 -0.48
C ALA A 445 23.95 -20.47 0.93
N ALA A 446 22.95 -19.64 1.21
CA ALA A 446 22.87 -18.97 2.50
C ALA A 446 22.61 -19.94 3.65
N LEU A 447 21.84 -20.99 3.38
CA LEU A 447 21.57 -22.01 4.39
C LEU A 447 22.86 -22.75 4.80
N GLU A 448 23.82 -22.80 3.89
N GLU A 448 23.82 -22.81 3.88
CA GLU A 448 25.12 -23.41 4.16
CA GLU A 448 25.12 -23.42 4.16
C GLU A 448 26.14 -22.38 4.62
C GLU A 448 26.15 -22.38 4.60
N HIS A 449 25.70 -21.14 4.78
CA HIS A 449 26.57 -20.03 5.18
C HIS A 449 27.67 -19.78 4.15
N HIS A 450 27.33 -19.95 2.87
CA HIS A 450 28.26 -19.70 1.77
C HIS A 450 28.15 -18.27 1.25
N HIS A 451 27.12 -17.56 1.66
CA HIS A 451 26.92 -16.19 1.20
C HIS A 451 27.96 -15.27 1.83
N HIS A 452 28.39 -14.29 1.05
CA HIS A 452 29.54 -13.44 1.38
C HIS A 452 29.43 -12.84 2.79
#